data_3TJC
#
_entry.id   3TJC
#
_cell.length_a   112.47
_cell.length_b   112.47
_cell.length_c   70.82
_cell.angle_alpha   90.0
_cell.angle_beta   90.0
_cell.angle_gamma   90.0
#
_symmetry.space_group_name_H-M   'P 41'
#
loop_
_entity.id
_entity.type
_entity.pdbx_description
1 polymer 'Tyrosine-protein kinase JAK2'
2 non-polymer 4-amino-N-methyl-2-[4-(morpholin-4-yl)phenyl]thieno[3,2-c]pyridine-7-carboxamide
3 water water
#
_entity_poly.entity_id   1
_entity_poly.type   'polypeptide(L)'
_entity_poly.pdbx_seq_one_letter_code
;GSEDRDPTQFEERHLKFLQQLGKGNFGSVEMCRYDPLQDNTGEVVAVKKLQHSTEEHLRDFEREIEILKSLQHDNIVKYK
GVCYSAGRRNLKLIMEYLPYGSLRDYLQKHKERIDHIKLLQYTSQICKGMEYLGTKRYIHRDLATRNILVENENRVKIGD
FGLTKVLPQDKE(PTR)(PTR)KVKEPGESPIFWYAPESLTESKFSVASDVWSFGVVLYELFTYIEKSKSPPAEFMRMIG
NDKQGQMIVFHLIELLKNNGRLPRPDGCPDEIYMIMTECWNNNVNQRPSFRDLALRVDQIRDNMAG
;
_entity_poly.pdbx_strand_id   A,B
#
loop_
_chem_comp.id
_chem_comp.type
_chem_comp.name
_chem_comp.formula
0TP non-polymer 4-amino-N-methyl-2-[4-(morpholin-4-yl)phenyl]thieno[3,2-c]pyridine-7-carboxamide 'C19 H20 N4 O2 S'
#
# COMPACT_ATOMS: atom_id res chain seq x y z
N GLN A 9 -12.57 33.26 -30.76
CA GLN A 9 -11.65 33.30 -29.59
C GLN A 9 -12.39 33.72 -28.32
N PHE A 10 -11.63 33.90 -27.23
CA PHE A 10 -12.21 34.27 -25.97
C PHE A 10 -11.94 35.74 -25.69
N GLU A 11 -13.00 36.48 -25.39
CA GLU A 11 -12.88 37.90 -25.10
C GLU A 11 -12.45 38.18 -23.67
N GLU A 12 -11.49 39.08 -23.52
CA GLU A 12 -10.96 39.50 -22.24
C GLU A 12 -12.03 39.94 -21.23
N ARG A 13 -12.92 40.82 -21.67
CA ARG A 13 -13.98 41.37 -20.81
C ARG A 13 -15.02 40.40 -20.29
N HIS A 14 -15.12 39.22 -20.89
CA HIS A 14 -16.11 38.24 -20.45
C HIS A 14 -15.51 37.13 -19.59
N LEU A 15 -14.21 37.27 -19.30
CA LEU A 15 -13.50 36.29 -18.48
C LEU A 15 -13.45 36.76 -17.03
N LYS A 16 -14.18 36.08 -16.16
CA LYS A 16 -14.22 36.48 -14.75
C LYS A 16 -13.32 35.65 -13.84
N PHE A 17 -12.44 36.32 -13.13
CA PHE A 17 -11.50 35.66 -12.21
C PHE A 17 -12.20 35.06 -11.00
N LEU A 18 -11.86 33.83 -10.66
CA LEU A 18 -12.45 33.15 -9.52
C LEU A 18 -11.39 32.82 -8.49
N GLN A 19 -10.28 32.28 -8.95
CA GLN A 19 -9.21 31.93 -8.02
C GLN A 19 -7.93 31.45 -8.69
N GLN A 20 -6.84 31.48 -7.94
CA GLN A 20 -5.54 31.08 -8.46
C GLN A 20 -5.33 29.56 -8.31
N LEU A 21 -4.95 28.89 -9.40
CA LEU A 21 -4.78 27.43 -9.44
C LEU A 21 -3.38 26.91 -9.24
N GLY A 22 -2.38 27.61 -9.78
CA GLY A 22 -1.02 27.16 -9.60
C GLY A 22 -0.02 28.13 -10.17
N LYS A 23 1.26 27.89 -9.91
CA LYS A 23 2.30 28.74 -10.43
C LYS A 23 3.47 27.85 -10.76
N GLY A 24 3.80 27.81 -12.04
CA GLY A 24 4.97 27.06 -12.45
C GLY A 24 5.82 27.69 -13.54
N ASN A 25 7.07 27.26 -13.53
CA ASN A 25 8.03 27.75 -14.48
C ASN A 25 7.96 29.25 -14.57
N PHE A 26 7.04 29.76 -15.39
CA PHE A 26 6.91 31.21 -15.57
C PHE A 26 5.48 31.56 -15.91
N GLY A 27 4.58 30.78 -15.36
CA GLY A 27 3.21 31.03 -15.63
C GLY A 27 2.37 30.87 -14.39
N SER A 28 1.11 31.13 -14.62
CA SER A 28 0.13 31.00 -13.58
C SER A 28 -1.09 30.54 -14.28
N VAL A 29 -1.87 29.73 -13.61
CA VAL A 29 -3.09 29.20 -14.15
C VAL A 29 -4.13 29.68 -13.16
N GLU A 30 -5.21 30.23 -13.69
CA GLU A 30 -6.29 30.74 -12.87
C GLU A 30 -7.62 30.07 -13.23
N MET A 31 -8.52 30.01 -12.27
CA MET A 31 -9.84 29.45 -12.50
C MET A 31 -10.68 30.67 -12.85
N CYS A 32 -11.34 30.62 -14.01
CA CYS A 32 -12.17 31.72 -14.47
C CYS A 32 -13.50 31.26 -15.03
N ARG A 33 -14.48 32.15 -15.03
CA ARG A 33 -15.77 31.83 -15.59
C ARG A 33 -15.90 32.67 -16.85
N TYR A 34 -16.01 32.02 -18.01
CA TYR A 34 -16.17 32.74 -19.27
C TYR A 34 -17.66 32.93 -19.46
N ASP A 35 -18.12 34.13 -19.12
CA ASP A 35 -19.52 34.48 -19.16
C ASP A 35 -19.87 35.55 -20.19
N PRO A 36 -19.85 35.19 -21.50
CA PRO A 36 -20.15 36.16 -22.56
C PRO A 36 -21.55 36.79 -22.57
N LEU A 37 -22.52 36.17 -21.90
CA LEU A 37 -23.86 36.73 -21.88
C LEU A 37 -24.04 37.38 -20.52
N GLN A 38 -22.96 37.36 -19.74
CA GLN A 38 -22.93 37.95 -18.41
C GLN A 38 -24.21 37.59 -17.69
N ASP A 39 -24.64 36.36 -17.88
CA ASP A 39 -25.89 35.87 -17.29
C ASP A 39 -25.60 34.58 -16.52
N ASN A 40 -24.41 34.52 -15.93
CA ASN A 40 -24.00 33.33 -15.20
C ASN A 40 -24.68 32.08 -15.71
N THR A 41 -24.26 31.73 -16.92
CA THR A 41 -24.70 30.55 -17.62
C THR A 41 -23.46 30.11 -18.38
N GLY A 42 -22.31 30.74 -18.08
CA GLY A 42 -21.08 30.39 -18.77
C GLY A 42 -20.24 29.33 -18.04
N GLU A 43 -19.40 28.61 -18.79
CA GLU A 43 -18.58 27.56 -18.19
C GLU A 43 -17.31 28.04 -17.52
N VAL A 44 -16.88 27.30 -16.51
CA VAL A 44 -15.66 27.58 -15.78
C VAL A 44 -14.51 26.99 -16.59
N VAL A 45 -13.41 27.72 -16.69
CA VAL A 45 -12.28 27.26 -17.48
C VAL A 45 -11.00 27.56 -16.74
N ALA A 46 -9.90 27.01 -17.23
CA ALA A 46 -8.61 27.26 -16.65
C ALA A 46 -7.86 28.16 -17.61
N VAL A 47 -7.27 29.23 -17.08
CA VAL A 47 -6.55 30.19 -17.90
C VAL A 47 -5.09 30.31 -17.50
N LYS A 48 -4.20 30.06 -18.45
CA LYS A 48 -2.77 30.13 -18.19
C LYS A 48 -2.13 31.35 -18.86
N LYS A 49 -1.29 32.04 -18.11
CA LYS A 49 -0.59 33.21 -18.63
C LYS A 49 0.80 33.31 -18.02
N LEU A 50 1.70 34.01 -18.68
CA LEU A 50 3.05 34.18 -18.17
C LEU A 50 3.03 35.10 -16.98
N GLN A 51 3.69 34.70 -15.90
CA GLN A 51 3.68 35.57 -14.75
C GLN A 51 4.47 36.85 -15.00
N HIS A 52 5.45 36.79 -15.91
CA HIS A 52 6.22 37.96 -16.28
C HIS A 52 6.50 37.80 -17.76
N SER A 53 5.77 38.57 -18.55
CA SER A 53 5.89 38.49 -19.99
C SER A 53 7.20 39.01 -20.57
N THR A 54 7.96 38.11 -21.16
CA THR A 54 9.23 38.45 -21.79
C THR A 54 9.06 37.94 -23.22
N GLU A 55 9.73 38.57 -24.16
CA GLU A 55 9.62 38.18 -25.56
C GLU A 55 10.13 36.77 -25.77
N GLU A 56 11.11 36.36 -24.97
CA GLU A 56 11.67 35.02 -25.08
C GLU A 56 10.61 34.04 -24.56
N HIS A 57 10.00 34.38 -23.43
CA HIS A 57 8.98 33.53 -22.85
C HIS A 57 7.70 33.55 -23.67
N LEU A 58 7.44 34.65 -24.36
CA LEU A 58 6.24 34.77 -25.18
C LEU A 58 6.36 33.87 -26.39
N ARG A 59 7.57 33.76 -26.92
CA ARG A 59 7.84 32.90 -28.08
C ARG A 59 7.67 31.43 -27.66
N ASP A 60 8.14 31.12 -26.46
CA ASP A 60 8.01 29.76 -25.93
C ASP A 60 6.53 29.45 -25.70
N PHE A 61 5.83 30.40 -25.12
CA PHE A 61 4.41 30.23 -24.84
C PHE A 61 3.62 30.02 -26.12
N GLU A 62 3.97 30.75 -27.17
CA GLU A 62 3.27 30.59 -28.45
C GLU A 62 3.45 29.17 -28.97
N ARG A 63 4.64 28.63 -28.77
CA ARG A 63 4.98 27.29 -29.20
C ARG A 63 4.19 26.27 -28.39
N GLU A 64 4.13 26.53 -27.08
CA GLU A 64 3.42 25.69 -26.14
C GLU A 64 1.95 25.57 -26.54
N ILE A 65 1.36 26.69 -26.89
CA ILE A 65 -0.02 26.73 -27.31
C ILE A 65 -0.21 25.94 -28.58
N GLU A 66 0.74 26.01 -29.51
CA GLU A 66 0.60 25.25 -30.74
C GLU A 66 0.75 23.75 -30.44
N ILE A 67 1.63 23.42 -29.52
CA ILE A 67 1.83 22.04 -29.13
C ILE A 67 0.50 21.46 -28.59
N LEU A 68 -0.08 22.16 -27.62
CA LEU A 68 -1.31 21.69 -27.01
C LEU A 68 -2.48 21.58 -27.94
N LYS A 69 -2.68 22.52 -28.84
CA LYS A 69 -3.83 22.30 -29.64
C LYS A 69 -3.57 21.27 -30.73
N SER A 70 -2.32 20.88 -30.96
CA SER A 70 -2.08 19.88 -32.00
C SER A 70 -2.32 18.53 -31.32
N LEU A 71 -2.61 18.52 -30.03
CA LEU A 71 -2.86 17.28 -29.28
C LEU A 71 -4.34 17.04 -28.93
N GLN A 72 -4.85 15.88 -29.30
CA GLN A 72 -6.24 15.51 -29.01
C GLN A 72 -6.20 14.06 -28.57
N HIS A 73 -6.31 13.86 -27.26
CA HIS A 73 -6.24 12.53 -26.67
C HIS A 73 -6.99 12.53 -25.34
N ASP A 74 -7.57 11.39 -24.99
CA ASP A 74 -8.34 11.28 -23.76
C ASP A 74 -7.54 11.63 -22.52
N ASN A 75 -6.22 11.43 -22.58
CA ASN A 75 -5.37 11.67 -21.44
C ASN A 75 -4.46 12.89 -21.54
N ILE A 76 -4.94 13.87 -22.27
CA ILE A 76 -4.22 15.12 -22.43
C ILE A 76 -5.26 16.21 -22.23
N VAL A 77 -4.91 17.23 -21.45
CA VAL A 77 -5.84 18.32 -21.18
C VAL A 77 -6.28 19.00 -22.47
N LYS A 78 -7.58 19.28 -22.57
CA LYS A 78 -8.16 19.89 -23.74
C LYS A 78 -7.93 21.38 -23.92
N TYR A 79 -7.51 21.74 -25.13
CA TYR A 79 -7.28 23.12 -25.51
C TYR A 79 -8.66 23.70 -25.86
N LYS A 80 -8.95 24.89 -25.36
CA LYS A 80 -10.22 25.53 -25.64
C LYS A 80 -10.06 26.77 -26.53
N GLY A 81 -8.96 27.49 -26.37
CA GLY A 81 -8.73 28.68 -27.17
C GLY A 81 -7.68 29.59 -26.57
N VAL A 82 -7.56 30.80 -27.12
CA VAL A 82 -6.60 31.80 -26.63
C VAL A 82 -7.32 33.13 -26.42
N CYS A 83 -6.73 33.99 -25.61
CA CYS A 83 -7.31 35.28 -25.34
C CYS A 83 -6.26 36.34 -25.60
N TYR A 84 -6.62 37.30 -26.47
CA TYR A 84 -5.73 38.41 -26.84
C TYR A 84 -6.26 39.75 -26.32
N SER A 85 -5.33 40.66 -26.03
CA SER A 85 -5.67 41.99 -25.53
C SER A 85 -6.24 42.76 -26.69
N ASN A 90 -0.98 40.64 -24.04
CA ASN A 90 -0.93 39.67 -22.96
C ASN A 90 -1.65 38.38 -23.33
N LEU A 91 -0.93 37.46 -23.95
CA LEU A 91 -1.48 36.19 -24.40
C LEU A 91 -1.95 35.25 -23.27
N LYS A 92 -3.13 34.67 -23.43
CA LYS A 92 -3.66 33.74 -22.43
C LYS A 92 -4.14 32.44 -23.08
N LEU A 93 -3.77 31.31 -22.48
CA LEU A 93 -4.15 30.00 -22.98
C LEU A 93 -5.35 29.50 -22.19
N ILE A 94 -6.45 29.23 -22.90
CA ILE A 94 -7.67 28.75 -22.26
C ILE A 94 -7.79 27.24 -22.41
N MET A 95 -7.83 26.54 -21.29
CA MET A 95 -7.95 25.10 -21.26
C MET A 95 -9.19 24.69 -20.49
N GLU A 96 -9.53 23.41 -20.59
CA GLU A 96 -10.69 22.91 -19.88
C GLU A 96 -10.35 22.90 -18.40
N TYR A 97 -11.37 23.07 -17.56
CA TYR A 97 -11.15 23.03 -16.13
C TYR A 97 -11.40 21.62 -15.61
N LEU A 98 -10.38 21.01 -15.03
CA LEU A 98 -10.53 19.67 -14.47
C LEU A 98 -10.80 19.89 -13.00
N PRO A 99 -12.06 19.63 -12.57
CA PRO A 99 -12.51 19.82 -11.19
C PRO A 99 -11.78 19.19 -10.02
N TYR A 100 -11.14 18.05 -10.23
CA TYR A 100 -10.44 17.40 -9.13
C TYR A 100 -8.98 17.86 -8.98
N GLY A 101 -8.54 18.75 -9.86
CA GLY A 101 -7.20 19.28 -9.77
C GLY A 101 -6.06 18.33 -10.09
N SER A 102 -4.86 18.69 -9.64
CA SER A 102 -3.69 17.85 -9.91
C SER A 102 -3.73 16.53 -9.15
N LEU A 103 -3.15 15.51 -9.76
CA LEU A 103 -3.08 14.18 -9.17
C LEU A 103 -2.31 14.21 -7.86
N ARG A 104 -1.28 15.04 -7.80
CA ARG A 104 -0.47 15.13 -6.58
C ARG A 104 -1.30 15.58 -5.39
N ASP A 105 -2.08 16.65 -5.56
CA ASP A 105 -2.91 17.15 -4.48
C ASP A 105 -4.07 16.19 -4.22
N TYR A 106 -4.65 15.64 -5.27
CA TYR A 106 -5.77 14.72 -5.14
C TYR A 106 -5.39 13.46 -4.34
N LEU A 107 -4.28 12.85 -4.74
CA LEU A 107 -3.79 11.65 -4.09
C LEU A 107 -3.42 11.89 -2.61
N GLN A 108 -2.77 12.99 -2.32
CA GLN A 108 -2.39 13.32 -0.95
C GLN A 108 -3.61 13.47 -0.04
N LYS A 109 -4.68 14.05 -0.57
CA LYS A 109 -5.90 14.28 0.18
C LYS A 109 -6.86 13.10 0.24
N HIS A 110 -6.76 12.22 -0.75
CA HIS A 110 -7.63 11.05 -0.90
C HIS A 110 -6.99 9.65 -0.77
N LYS A 111 -5.82 9.54 -0.16
CA LYS A 111 -5.17 8.24 -0.04
C LYS A 111 -6.00 7.09 0.52
N GLU A 112 -7.00 7.39 1.33
CA GLU A 112 -7.82 6.35 1.89
C GLU A 112 -8.78 5.84 0.82
N ARG A 113 -9.14 6.69 -0.15
CA ARG A 113 -10.05 6.28 -1.21
C ARG A 113 -9.34 5.61 -2.38
N ILE A 114 -8.06 5.92 -2.55
CA ILE A 114 -7.28 5.38 -3.67
C ILE A 114 -6.39 4.17 -3.35
N ASP A 115 -6.71 3.03 -3.96
CA ASP A 115 -5.93 1.84 -3.72
C ASP A 115 -4.90 1.60 -4.84
N HIS A 116 -4.10 0.56 -4.69
CA HIS A 116 -3.08 0.25 -5.69
C HIS A 116 -3.63 -0.04 -7.07
N ILE A 117 -4.81 -0.61 -7.13
CA ILE A 117 -5.42 -0.92 -8.41
C ILE A 117 -5.72 0.36 -9.16
N LYS A 118 -6.16 1.39 -8.43
CA LYS A 118 -6.46 2.65 -9.08
C LYS A 118 -5.17 3.38 -9.44
N LEU A 119 -4.11 3.18 -8.66
CA LEU A 119 -2.85 3.84 -8.96
C LEU A 119 -2.34 3.30 -10.29
N LEU A 120 -2.58 2.02 -10.54
CA LEU A 120 -2.15 1.42 -11.79
C LEU A 120 -3.05 1.83 -12.94
N GLN A 121 -4.29 2.20 -12.64
CA GLN A 121 -5.19 2.65 -13.69
C GLN A 121 -4.69 4.01 -14.16
N TYR A 122 -4.32 4.87 -13.20
CA TYR A 122 -3.79 6.18 -13.53
C TYR A 122 -2.48 6.02 -14.30
N THR A 123 -1.63 5.11 -13.83
CA THR A 123 -0.33 4.83 -14.44
C THR A 123 -0.49 4.44 -15.90
N SER A 124 -1.48 3.61 -16.18
CA SER A 124 -1.75 3.14 -17.53
C SER A 124 -2.18 4.30 -18.42
N GLN A 125 -3.02 5.17 -17.89
CA GLN A 125 -3.50 6.33 -18.63
C GLN A 125 -2.40 7.33 -18.93
N ILE A 126 -1.44 7.44 -18.02
CA ILE A 126 -0.34 8.35 -18.22
C ILE A 126 0.54 7.82 -19.34
N CYS A 127 0.75 6.50 -19.36
CA CYS A 127 1.57 5.89 -20.39
C CYS A 127 0.95 6.04 -21.77
N LYS A 128 -0.36 5.91 -21.86
CA LYS A 128 -1.00 6.01 -23.15
C LYS A 128 -0.95 7.44 -23.64
N GLY A 129 -1.00 8.38 -22.71
CA GLY A 129 -0.93 9.79 -23.08
C GLY A 129 0.48 10.09 -23.58
N MET A 130 1.47 9.50 -22.94
CA MET A 130 2.86 9.69 -23.33
C MET A 130 3.21 8.98 -24.64
N GLU A 131 2.62 7.82 -24.90
CA GLU A 131 2.90 7.11 -26.15
C GLU A 131 2.34 7.95 -27.29
N TYR A 132 1.24 8.63 -27.02
CA TYR A 132 0.61 9.50 -28.01
C TYR A 132 1.52 10.69 -28.29
N LEU A 133 2.19 11.20 -27.24
CA LEU A 133 3.10 12.32 -27.41
C LEU A 133 4.26 11.92 -28.31
N GLY A 134 4.81 10.74 -28.02
CA GLY A 134 5.92 10.24 -28.78
C GLY A 134 5.59 9.98 -30.23
N THR A 135 4.32 9.76 -30.52
CA THR A 135 3.91 9.49 -31.89
C THR A 135 4.01 10.77 -32.71
N LYS A 136 4.11 11.91 -32.03
CA LYS A 136 4.23 13.21 -32.69
C LYS A 136 5.63 13.77 -32.43
N ARG A 137 6.48 12.92 -31.86
CA ARG A 137 7.86 13.25 -31.54
C ARG A 137 7.99 14.38 -30.54
N TYR A 138 7.01 14.47 -29.65
CA TYR A 138 7.00 15.48 -28.61
C TYR A 138 7.68 14.92 -27.36
N ILE A 139 8.55 15.70 -26.74
CA ILE A 139 9.22 15.28 -25.51
C ILE A 139 8.68 16.20 -24.42
N HIS A 140 7.95 15.63 -23.47
CA HIS A 140 7.33 16.41 -22.40
C HIS A 140 8.30 17.22 -21.52
N ARG A 141 9.36 16.55 -21.06
CA ARG A 141 10.40 17.17 -20.24
C ARG A 141 10.02 17.62 -18.84
N ASP A 142 8.79 17.37 -18.41
CA ASP A 142 8.38 17.82 -17.08
C ASP A 142 7.35 16.90 -16.45
N LEU A 143 7.44 15.60 -16.72
CA LEU A 143 6.45 14.69 -16.16
C LEU A 143 6.63 14.53 -14.64
N ALA A 144 5.53 14.78 -13.94
CA ALA A 144 5.48 14.71 -12.49
C ALA A 144 3.99 14.79 -12.13
N THR A 145 3.61 14.16 -11.02
CA THR A 145 2.20 14.17 -10.63
C THR A 145 1.57 15.53 -10.50
N ARG A 146 2.36 16.57 -10.25
CA ARG A 146 1.79 17.90 -10.15
C ARG A 146 1.35 18.38 -11.54
N ASN A 147 1.84 17.75 -12.61
CA ASN A 147 1.46 18.14 -13.95
C ASN A 147 0.39 17.23 -14.52
N ILE A 148 -0.12 16.32 -13.68
CA ILE A 148 -1.18 15.41 -14.11
C ILE A 148 -2.47 15.89 -13.43
N LEU A 149 -3.54 15.97 -14.20
CA LEU A 149 -4.82 16.44 -13.66
C LEU A 149 -5.84 15.33 -13.59
N VAL A 150 -6.79 15.46 -12.67
CA VAL A 150 -7.83 14.47 -12.47
C VAL A 150 -9.20 14.95 -12.96
N GLU A 151 -9.73 14.29 -13.99
CA GLU A 151 -11.04 14.66 -14.50
C GLU A 151 -12.11 14.06 -13.58
N ASN A 152 -11.89 12.82 -13.16
CA ASN A 152 -12.79 12.13 -12.24
C ASN A 152 -12.02 11.01 -11.58
N GLU A 153 -12.68 10.29 -10.69
CA GLU A 153 -12.08 9.19 -9.92
C GLU A 153 -11.41 8.13 -10.80
N ASN A 154 -11.90 7.95 -12.01
CA ASN A 154 -11.35 6.94 -12.91
C ASN A 154 -10.48 7.47 -14.08
N ARG A 155 -10.42 8.78 -14.26
CA ARG A 155 -9.68 9.37 -15.38
C ARG A 155 -8.65 10.49 -15.07
N VAL A 156 -7.40 10.30 -15.46
CA VAL A 156 -6.41 11.37 -15.27
C VAL A 156 -5.92 11.85 -16.64
N LYS A 157 -5.33 13.03 -16.69
CA LYS A 157 -4.83 13.57 -17.94
C LYS A 157 -3.54 14.34 -17.73
N ILE A 158 -2.66 14.30 -18.72
CA ILE A 158 -1.41 15.06 -18.64
C ILE A 158 -1.94 16.48 -18.85
N GLY A 159 -1.72 17.36 -17.89
CA GLY A 159 -2.30 18.67 -17.97
C GLY A 159 -1.49 19.92 -18.19
N ASP A 160 -0.20 19.79 -18.49
CA ASP A 160 0.62 20.96 -18.74
C ASP A 160 1.73 20.58 -19.70
N PHE A 161 2.07 21.51 -20.60
CA PHE A 161 3.08 21.26 -21.61
C PHE A 161 4.04 22.45 -21.75
N GLY A 162 4.25 23.16 -20.65
CA GLY A 162 5.13 24.32 -20.67
C GLY A 162 6.58 24.11 -21.08
N LEU A 163 7.12 22.91 -20.89
CA LEU A 163 8.49 22.61 -21.25
C LEU A 163 8.59 21.62 -22.42
N THR A 164 7.46 21.32 -23.04
CA THR A 164 7.44 20.35 -24.12
C THR A 164 8.12 20.84 -25.40
N LYS A 165 8.96 19.98 -25.95
CA LYS A 165 9.71 20.30 -27.16
C LYS A 165 9.49 19.27 -28.27
N VAL A 166 9.68 19.69 -29.51
CA VAL A 166 9.54 18.78 -30.66
C VAL A 166 10.93 18.31 -31.06
N LEU A 167 11.09 17.01 -31.26
CA LEU A 167 12.40 16.52 -31.68
C LEU A 167 12.72 16.97 -33.09
N PRO A 168 14.00 17.22 -33.38
CA PRO A 168 14.34 17.63 -34.74
C PRO A 168 14.21 16.36 -35.59
N GLN A 169 13.97 16.50 -36.87
CA GLN A 169 13.83 15.33 -37.75
C GLN A 169 15.01 14.35 -37.74
N ASP A 170 16.23 14.88 -37.71
CA ASP A 170 17.43 14.04 -37.79
C ASP A 170 18.01 13.47 -36.51
N LYS A 171 17.40 13.81 -35.38
CA LYS A 171 17.91 13.34 -34.09
C LYS A 171 16.85 12.75 -33.18
N GLU A 172 17.25 11.71 -32.44
CA GLU A 172 16.39 11.01 -31.50
C GLU A 172 16.53 11.65 -30.12
N PTR A 173 17.11 12.86 -30.09
CA PTR A 173 17.21 13.63 -28.81
C PTR A 173 17.13 15.13 -29.08
O PTR A 173 17.22 15.58 -30.22
CB PTR A 173 18.51 13.36 -27.92
CG PTR A 173 19.84 13.74 -28.58
CD1 PTR A 173 20.58 12.77 -29.25
CD2 PTR A 173 20.34 15.04 -28.54
CE1 PTR A 173 21.80 13.08 -29.85
CE2 PTR A 173 21.56 15.37 -29.15
CZ PTR A 173 22.26 14.38 -29.81
OH PTR A 173 23.39 14.67 -30.55
P PTR A 173 24.69 13.68 -30.53
O1P PTR A 173 25.85 14.55 -30.99
O2P PTR A 173 24.39 12.51 -31.49
O3P PTR A 173 24.81 13.23 -29.08
N PTR A 174 16.95 15.89 -28.01
CA PTR A 174 16.88 17.36 -28.07
C PTR A 174 17.64 17.91 -26.89
O PTR A 174 17.47 17.48 -25.72
CB PTR A 174 15.43 17.90 -28.03
CG PTR A 174 15.28 19.41 -28.20
CD1 PTR A 174 15.63 20.32 -27.20
CD2 PTR A 174 14.72 19.93 -29.37
CE1 PTR A 174 15.38 21.72 -27.34
CE2 PTR A 174 14.47 21.31 -29.53
CZ PTR A 174 14.80 22.20 -28.51
OH PTR A 174 14.48 23.55 -28.63
P PTR A 174 15.12 24.46 -29.80
O1P PTR A 174 14.15 24.43 -30.97
O2P PTR A 174 16.45 23.79 -30.16
O3P PTR A 174 15.30 25.84 -29.19
N LYS A 175 18.50 18.88 -27.22
CA LYS A 175 19.34 19.57 -26.26
C LYS A 175 18.74 20.92 -25.93
N VAL A 176 18.76 21.26 -24.64
CA VAL A 176 18.18 22.51 -24.20
C VAL A 176 18.48 22.78 -22.73
N LYS A 177 18.89 24.01 -22.44
CA LYS A 177 19.22 24.41 -21.09
C LYS A 177 18.58 25.75 -20.84
N GLU A 178 17.47 25.74 -20.11
CA GLU A 178 16.73 26.96 -19.80
C GLU A 178 17.20 27.68 -18.55
N PRO A 179 17.07 29.01 -18.54
CA PRO A 179 17.49 29.81 -17.39
C PRO A 179 16.52 29.55 -16.24
N GLY A 180 17.03 29.63 -15.02
CA GLY A 180 16.19 29.42 -13.85
C GLY A 180 16.40 28.07 -13.21
N GLU A 181 15.36 27.59 -12.54
CA GLU A 181 15.40 26.31 -11.84
C GLU A 181 14.73 25.17 -12.62
N SER A 182 15.39 24.01 -12.62
CA SER A 182 14.89 22.82 -13.29
C SER A 182 14.52 21.77 -12.25
N PRO A 183 13.56 20.89 -12.60
CA PRO A 183 13.14 19.83 -11.67
C PRO A 183 14.17 18.71 -11.71
N ILE A 184 15.39 19.03 -11.29
CA ILE A 184 16.49 18.08 -11.32
C ILE A 184 16.24 16.69 -10.69
N PHE A 185 15.36 16.60 -9.72
CA PHE A 185 15.14 15.30 -9.09
C PHE A 185 14.19 14.39 -9.86
N TRP A 186 13.84 14.83 -11.07
CA TRP A 186 12.94 14.11 -11.97
C TRP A 186 13.65 13.89 -13.30
N TYR A 187 14.82 14.47 -13.39
CA TYR A 187 15.67 14.42 -14.57
C TYR A 187 16.59 13.23 -14.72
N ALA A 188 16.67 12.69 -15.92
CA ALA A 188 17.54 11.55 -16.18
C ALA A 188 18.98 12.00 -16.10
N PRO A 189 19.93 11.08 -15.85
CA PRO A 189 21.34 11.48 -15.77
C PRO A 189 21.88 12.26 -16.96
N GLU A 190 21.54 11.83 -18.18
CA GLU A 190 22.02 12.51 -19.38
C GLU A 190 21.36 13.87 -19.57
N SER A 191 20.28 14.14 -18.85
CA SER A 191 19.62 15.43 -18.93
C SER A 191 20.32 16.39 -17.98
N LEU A 192 20.91 15.84 -16.93
CA LEU A 192 21.63 16.63 -15.94
C LEU A 192 23.02 16.96 -16.43
N THR A 193 23.69 15.96 -17.02
CA THR A 193 25.05 16.10 -17.50
C THR A 193 25.23 16.64 -18.91
N GLU A 194 24.31 16.31 -19.82
CA GLU A 194 24.41 16.73 -21.20
C GLU A 194 23.24 17.56 -21.71
N SER A 195 22.24 17.77 -20.85
CA SER A 195 21.07 18.55 -21.24
C SER A 195 20.34 17.87 -22.38
N LYS A 196 20.45 16.55 -22.44
CA LYS A 196 19.78 15.76 -23.48
C LYS A 196 18.39 15.29 -23.04
N PHE A 197 17.39 15.57 -23.87
CA PHE A 197 16.02 15.16 -23.59
C PHE A 197 15.50 14.34 -24.75
N SER A 198 14.86 13.23 -24.41
CA SER A 198 14.32 12.29 -25.38
C SER A 198 13.16 11.52 -24.79
N VAL A 199 12.59 10.62 -25.58
CA VAL A 199 11.49 9.80 -25.09
C VAL A 199 12.02 9.01 -23.91
N ALA A 200 13.25 8.52 -24.02
CA ALA A 200 13.88 7.75 -22.95
C ALA A 200 14.03 8.55 -21.66
N SER A 201 14.25 9.86 -21.77
CA SER A 201 14.37 10.67 -20.55
C SER A 201 12.97 10.87 -19.97
N ASP A 202 11.95 10.88 -20.83
CA ASP A 202 10.57 11.00 -20.36
C ASP A 202 10.23 9.71 -19.60
N VAL A 203 10.76 8.59 -20.08
CA VAL A 203 10.54 7.31 -19.42
C VAL A 203 11.18 7.29 -18.05
N TRP A 204 12.34 7.91 -17.92
CA TRP A 204 13.03 7.96 -16.63
C TRP A 204 12.13 8.74 -15.67
N SER A 205 11.61 9.86 -16.14
CA SER A 205 10.74 10.68 -15.32
C SER A 205 9.46 9.94 -14.99
N PHE A 206 8.98 9.14 -15.93
CA PHE A 206 7.78 8.37 -15.68
C PHE A 206 8.02 7.42 -14.51
N GLY A 207 9.25 6.93 -14.37
CA GLY A 207 9.56 6.06 -13.26
C GLY A 207 9.42 6.77 -11.94
N VAL A 208 9.77 8.06 -11.92
CA VAL A 208 9.70 8.89 -10.74
C VAL A 208 8.22 9.15 -10.44
N VAL A 209 7.44 9.34 -11.50
CA VAL A 209 6.02 9.55 -11.33
C VAL A 209 5.42 8.32 -10.67
N LEU A 210 5.82 7.13 -11.14
CA LEU A 210 5.33 5.88 -10.58
C LEU A 210 5.71 5.82 -9.09
N TYR A 211 6.94 6.23 -8.78
CA TYR A 211 7.42 6.26 -7.40
C TYR A 211 6.52 7.19 -6.58
N GLU A 212 6.29 8.39 -7.11
CA GLU A 212 5.45 9.38 -6.43
C GLU A 212 4.11 8.78 -6.04
N LEU A 213 3.42 8.22 -7.01
CA LEU A 213 2.12 7.63 -6.79
C LEU A 213 2.11 6.59 -5.67
N PHE A 214 3.11 5.73 -5.62
CA PHE A 214 3.09 4.72 -4.59
C PHE A 214 3.55 5.21 -3.20
N THR A 215 4.06 6.42 -3.13
CA THR A 215 4.44 6.99 -1.84
C THR A 215 3.22 7.74 -1.30
N TYR A 216 2.18 7.86 -2.13
CA TYR A 216 0.95 8.57 -1.79
C TYR A 216 1.25 10.01 -1.39
N ILE A 217 2.33 10.54 -1.96
CA ILE A 217 2.80 11.90 -1.74
C ILE A 217 3.05 12.20 -0.27
N GLU A 218 3.70 11.27 0.43
CA GLU A 218 4.04 11.51 1.83
C GLU A 218 5.19 12.49 1.79
N LYS A 219 5.02 13.62 2.48
CA LYS A 219 5.98 14.71 2.46
C LYS A 219 7.45 14.36 2.59
N SER A 220 7.78 13.46 3.52
CA SER A 220 9.16 13.07 3.75
C SER A 220 9.69 12.10 2.71
N LYS A 221 8.78 11.57 1.90
CA LYS A 221 9.14 10.58 0.89
C LYS A 221 9.29 11.13 -0.52
N SER A 222 9.15 12.44 -0.69
CA SER A 222 9.26 13.03 -2.01
C SER A 222 10.65 12.85 -2.61
N PRO A 223 10.75 12.84 -3.94
CA PRO A 223 12.03 12.69 -4.60
C PRO A 223 13.08 13.68 -4.09
N PRO A 224 12.71 14.96 -3.96
CA PRO A 224 13.69 15.94 -3.47
C PRO A 224 14.20 15.58 -2.07
N ALA A 225 13.26 15.26 -1.18
CA ALA A 225 13.59 14.91 0.19
C ALA A 225 14.46 13.66 0.28
N GLU A 226 14.14 12.65 -0.52
CA GLU A 226 14.91 11.41 -0.50
C GLU A 226 16.30 11.57 -1.05
N PHE A 227 16.43 12.22 -2.20
CA PHE A 227 17.74 12.43 -2.78
C PHE A 227 18.61 13.35 -1.92
N MET A 228 18.02 14.38 -1.32
CA MET A 228 18.80 15.29 -0.49
C MET A 228 19.33 14.57 0.74
N ARG A 229 18.55 13.60 1.20
CA ARG A 229 18.90 12.81 2.38
C ARG A 229 20.11 11.91 1.98
N MET A 230 20.05 11.30 0.79
CA MET A 230 21.13 10.43 0.28
C MET A 230 22.40 11.24 -0.03
N ILE A 231 22.19 12.44 -0.57
CA ILE A 231 23.30 13.33 -0.90
C ILE A 231 23.85 13.98 0.35
N GLY A 232 22.98 14.21 1.33
CA GLY A 232 23.40 14.86 2.56
C GLY A 232 22.78 16.24 2.63
N ASN A 233 21.86 16.42 3.57
CA ASN A 233 21.21 17.72 3.72
C ASN A 233 22.21 18.83 4.02
N ASP A 234 23.44 18.45 4.36
CA ASP A 234 24.49 19.44 4.65
C ASP A 234 25.10 19.76 3.33
N LYS A 235 24.27 19.87 2.30
CA LYS A 235 24.81 20.13 0.99
C LYS A 235 24.89 21.61 0.68
N GLN A 236 25.55 21.92 -0.43
CA GLN A 236 25.73 23.30 -0.82
C GLN A 236 24.56 23.83 -1.66
N GLY A 237 24.87 24.37 -2.84
CA GLY A 237 23.85 24.90 -3.73
C GLY A 237 24.11 24.56 -5.18
N GLN A 238 25.24 25.01 -5.73
CA GLN A 238 25.55 24.72 -7.11
C GLN A 238 26.11 23.32 -7.19
N MET A 239 26.51 22.79 -6.04
CA MET A 239 27.11 21.45 -6.02
C MET A 239 26.08 20.35 -5.87
N ILE A 240 24.84 20.74 -5.59
CA ILE A 240 23.75 19.78 -5.43
C ILE A 240 23.56 18.91 -6.68
N VAL A 241 23.62 19.53 -7.85
CA VAL A 241 23.46 18.80 -9.10
C VAL A 241 24.66 17.88 -9.28
N PHE A 242 25.85 18.38 -8.92
CA PHE A 242 27.08 17.61 -9.06
C PHE A 242 27.03 16.34 -8.22
N HIS A 243 26.50 16.45 -7.02
CA HIS A 243 26.41 15.27 -6.16
C HIS A 243 25.28 14.34 -6.59
N LEU A 244 24.24 14.91 -7.18
CA LEU A 244 23.11 14.11 -7.66
C LEU A 244 23.61 13.26 -8.82
N ILE A 245 24.40 13.88 -9.69
CA ILE A 245 24.94 13.18 -10.84
C ILE A 245 25.76 12.00 -10.40
N GLU A 246 26.62 12.20 -9.41
CA GLU A 246 27.47 11.13 -8.93
C GLU A 246 26.68 9.99 -8.29
N LEU A 247 25.65 10.35 -7.52
CA LEU A 247 24.80 9.36 -6.85
C LEU A 247 24.13 8.44 -7.87
N LEU A 248 23.63 9.02 -8.96
CA LEU A 248 22.97 8.23 -9.98
C LEU A 248 23.98 7.40 -10.75
N LYS A 249 25.19 7.92 -10.86
CA LYS A 249 26.26 7.24 -11.61
C LYS A 249 26.64 5.95 -10.89
N ASN A 250 26.61 5.99 -9.56
CA ASN A 250 26.93 4.84 -8.73
C ASN A 250 25.70 4.02 -8.37
N ASN A 251 24.70 4.11 -9.24
CA ASN A 251 23.45 3.39 -9.08
C ASN A 251 22.67 3.64 -7.79
N GLY A 252 22.77 4.86 -7.25
CA GLY A 252 22.00 5.22 -6.08
C GLY A 252 20.62 5.59 -6.60
N ARG A 253 19.56 5.14 -5.94
CA ARG A 253 18.21 5.44 -6.41
C ARG A 253 17.15 5.56 -5.34
N LEU A 254 16.00 6.11 -5.73
CA LEU A 254 14.88 6.27 -4.82
C LEU A 254 14.50 4.89 -4.28
N PRO A 255 14.25 4.78 -2.97
CA PRO A 255 13.88 3.50 -2.36
C PRO A 255 12.51 3.04 -2.76
N ARG A 256 12.24 1.75 -2.52
CA ARG A 256 10.94 1.17 -2.82
C ARG A 256 9.94 1.77 -1.82
N PRO A 257 8.88 2.41 -2.32
CA PRO A 257 7.86 3.02 -1.45
C PRO A 257 7.24 2.00 -0.50
N ASP A 258 6.81 2.46 0.68
CA ASP A 258 6.19 1.58 1.65
C ASP A 258 4.96 0.91 1.04
N GLY A 259 4.91 -0.41 1.13
CA GLY A 259 3.79 -1.15 0.59
C GLY A 259 3.79 -1.42 -0.90
N CYS A 260 4.79 -0.91 -1.61
CA CYS A 260 4.85 -1.11 -3.05
C CYS A 260 5.21 -2.54 -3.42
N PRO A 261 4.43 -3.16 -4.31
CA PRO A 261 4.70 -4.53 -4.76
C PRO A 261 6.04 -4.57 -5.48
N ASP A 262 6.79 -5.64 -5.26
CA ASP A 262 8.10 -5.80 -5.87
C ASP A 262 8.09 -5.70 -7.40
N GLU A 263 7.01 -6.16 -8.02
CA GLU A 263 6.93 -6.12 -9.46
C GLU A 263 6.70 -4.70 -9.98
N ILE A 264 6.17 -3.83 -9.12
CA ILE A 264 5.93 -2.45 -9.52
C ILE A 264 7.26 -1.68 -9.38
N TYR A 265 7.99 -1.98 -8.30
CA TYR A 265 9.28 -1.33 -8.07
C TYR A 265 10.26 -1.68 -9.18
N MET A 266 10.12 -2.87 -9.76
CA MET A 266 11.01 -3.27 -10.82
C MET A 266 10.75 -2.44 -12.06
N ILE A 267 9.50 -2.04 -12.27
CA ILE A 267 9.19 -1.21 -13.42
C ILE A 267 9.91 0.12 -13.22
N MET A 268 9.88 0.60 -11.98
CA MET A 268 10.53 1.83 -11.60
C MET A 268 12.04 1.76 -11.90
N THR A 269 12.69 0.74 -11.35
CA THR A 269 14.11 0.57 -11.53
C THR A 269 14.53 0.40 -12.97
N GLU A 270 13.68 -0.24 -13.77
CA GLU A 270 14.00 -0.43 -15.17
C GLU A 270 13.92 0.89 -15.94
N CYS A 271 13.07 1.79 -15.47
CA CYS A 271 12.93 3.09 -16.10
C CYS A 271 14.15 3.92 -15.70
N TRP A 272 14.71 3.63 -14.54
CA TRP A 272 15.88 4.34 -14.05
C TRP A 272 17.20 3.69 -14.45
N ASN A 273 17.29 3.28 -15.70
CA ASN A 273 18.51 2.67 -16.17
C ASN A 273 19.43 3.77 -16.68
N ASN A 274 20.71 3.73 -16.29
CA ASN A 274 21.66 4.74 -16.74
C ASN A 274 21.84 4.63 -18.26
N ASN A 275 21.66 3.42 -18.79
CA ASN A 275 21.79 3.23 -20.21
C ASN A 275 20.48 3.60 -20.88
N VAL A 276 20.50 4.78 -21.50
CA VAL A 276 19.37 5.35 -22.20
C VAL A 276 18.61 4.35 -23.06
N ASN A 277 19.33 3.55 -23.85
CA ASN A 277 18.69 2.59 -24.76
C ASN A 277 18.08 1.36 -24.11
N GLN A 278 18.39 1.13 -22.85
CA GLN A 278 17.85 -0.03 -22.14
C GLN A 278 16.52 0.24 -21.42
N ARG A 279 16.07 1.50 -21.43
CA ARG A 279 14.81 1.81 -20.78
C ARG A 279 13.66 1.31 -21.62
N PRO A 280 12.60 0.82 -20.98
CA PRO A 280 11.45 0.32 -21.74
C PRO A 280 10.70 1.42 -22.50
N SER A 281 9.90 1.00 -23.47
CA SER A 281 9.11 1.95 -24.25
C SER A 281 7.80 2.18 -23.48
N PHE A 282 7.09 3.25 -23.81
CA PHE A 282 5.85 3.55 -23.12
C PHE A 282 4.81 2.49 -23.45
N ARG A 283 4.88 1.96 -24.67
CA ARG A 283 3.99 0.91 -25.13
C ARG A 283 4.14 -0.34 -24.28
N ASP A 284 5.39 -0.69 -24.00
CA ASP A 284 5.71 -1.84 -23.19
C ASP A 284 5.38 -1.63 -21.74
N LEU A 285 5.53 -0.39 -21.28
CA LEU A 285 5.20 -0.06 -19.91
C LEU A 285 3.70 -0.24 -19.69
N ALA A 286 2.91 0.18 -20.68
CA ALA A 286 1.47 0.07 -20.59
C ALA A 286 1.08 -1.41 -20.52
N LEU A 287 1.71 -2.22 -21.36
CA LEU A 287 1.41 -3.64 -21.39
C LEU A 287 1.77 -4.34 -20.09
N ARG A 288 2.90 -3.98 -19.49
CA ARG A 288 3.29 -4.61 -18.24
C ARG A 288 2.38 -4.16 -17.10
N VAL A 289 1.98 -2.90 -17.11
CA VAL A 289 1.11 -2.38 -16.07
C VAL A 289 -0.27 -2.98 -16.21
N ASP A 290 -0.82 -3.01 -17.42
CA ASP A 290 -2.14 -3.60 -17.63
C ASP A 290 -2.15 -5.08 -17.28
N GLN A 291 -1.01 -5.74 -17.44
CA GLN A 291 -0.94 -7.17 -17.13
C GLN A 291 -1.00 -7.34 -15.63
N ILE A 292 -0.29 -6.48 -14.92
CA ILE A 292 -0.29 -6.54 -13.47
C ILE A 292 -1.67 -6.16 -12.95
N ARG A 293 -2.34 -5.23 -13.64
CA ARG A 293 -3.68 -4.82 -13.21
C ARG A 293 -4.63 -6.01 -13.27
N ASP A 294 -4.58 -6.75 -14.37
CA ASP A 294 -5.44 -7.92 -14.56
C ASP A 294 -5.17 -9.02 -13.53
N ASN A 295 -3.89 -9.25 -13.22
CA ASN A 295 -3.49 -10.26 -12.23
C ASN A 295 -3.93 -9.84 -10.82
N MET A 296 -4.21 -8.56 -10.62
CA MET A 296 -4.64 -8.09 -9.30
C MET A 296 -6.16 -8.07 -9.22
N ALA A 297 -6.79 -8.12 -10.39
CA ALA A 297 -8.25 -8.09 -10.48
C ALA A 297 -8.85 -9.46 -10.15
N GLY A 298 -8.61 -10.42 -11.04
CA GLY A 298 -9.15 -11.77 -10.83
C GLY A 298 -8.42 -12.57 -9.77
N ASP B 6 -21.24 -41.52 9.91
CA ASP B 6 -20.62 -40.22 9.55
C ASP B 6 -19.50 -39.94 10.55
N PRO B 7 -18.25 -40.01 10.09
CA PRO B 7 -17.01 -39.80 10.86
C PRO B 7 -16.92 -38.38 11.43
N THR B 8 -17.64 -37.44 10.82
CA THR B 8 -17.60 -36.06 11.25
C THR B 8 -18.61 -35.78 12.37
N GLN B 9 -19.33 -36.83 12.76
CA GLN B 9 -20.31 -36.70 13.84
C GLN B 9 -19.76 -37.46 15.04
N PHE B 10 -19.42 -36.73 16.09
CA PHE B 10 -18.85 -37.35 17.27
C PHE B 10 -19.85 -37.54 18.42
N GLU B 11 -19.93 -38.77 18.93
CA GLU B 11 -20.83 -39.09 20.02
C GLU B 11 -20.25 -38.69 21.37
N GLU B 12 -21.01 -37.92 22.13
CA GLU B 12 -20.58 -37.47 23.45
C GLU B 12 -20.21 -38.63 24.36
N ARG B 13 -21.01 -39.70 24.31
CA ARG B 13 -20.76 -40.87 25.15
C ARG B 13 -19.39 -41.53 24.95
N HIS B 14 -18.79 -41.35 23.79
CA HIS B 14 -17.49 -41.95 23.50
C HIS B 14 -16.31 -41.00 23.63
N LEU B 15 -16.60 -39.71 23.77
CA LEU B 15 -15.58 -38.68 23.90
C LEU B 15 -15.10 -38.62 25.35
N LYS B 16 -13.94 -39.21 25.63
CA LYS B 16 -13.41 -39.24 26.98
C LYS B 16 -12.42 -38.12 27.29
N PHE B 17 -12.76 -37.34 28.31
CA PHE B 17 -11.97 -36.20 28.75
C PHE B 17 -10.60 -36.59 29.30
N LEU B 18 -9.57 -35.83 28.94
CA LEU B 18 -8.20 -36.08 29.41
C LEU B 18 -7.67 -34.87 30.18
N GLN B 19 -7.77 -33.69 29.57
CA GLN B 19 -7.33 -32.46 30.22
C GLN B 19 -7.76 -31.21 29.47
N GLN B 20 -7.51 -30.06 30.11
CA GLN B 20 -7.85 -28.75 29.60
C GLN B 20 -6.70 -28.14 28.79
N LEU B 21 -7.01 -27.59 27.62
CA LEU B 21 -5.98 -27.02 26.71
C LEU B 21 -5.86 -25.50 26.69
N GLY B 22 -6.98 -24.83 26.88
CA GLY B 22 -6.93 -23.39 26.92
C GLY B 22 -8.30 -22.92 27.35
N LYS B 23 -8.44 -21.64 27.56
CA LYS B 23 -9.73 -21.16 27.96
C LYS B 23 -9.79 -19.70 27.62
N GLY B 24 -10.82 -19.35 26.86
CA GLY B 24 -10.97 -17.99 26.38
C GLY B 24 -12.08 -17.17 27.01
N ASN B 25 -12.99 -16.58 26.25
CA ASN B 25 -13.90 -15.81 27.04
C ASN B 25 -15.29 -16.25 27.09
N PHE B 26 -15.72 -16.98 26.08
CA PHE B 26 -17.05 -17.51 26.09
C PHE B 26 -16.96 -19.03 26.02
N GLY B 27 -15.71 -19.53 26.04
CA GLY B 27 -15.42 -20.95 25.93
C GLY B 27 -14.04 -21.51 26.19
N SER B 28 -13.97 -22.83 26.04
CA SER B 28 -12.71 -23.55 26.27
C SER B 28 -12.39 -24.65 25.27
N VAL B 29 -11.18 -25.21 25.38
CA VAL B 29 -10.71 -26.27 24.51
C VAL B 29 -10.14 -27.39 25.36
N GLU B 30 -10.64 -28.61 25.11
CA GLU B 30 -10.22 -29.78 25.85
C GLU B 30 -9.55 -30.88 25.03
N MET B 31 -8.67 -31.65 25.67
CA MET B 31 -8.02 -32.76 25.01
C MET B 31 -8.88 -33.96 25.35
N CYS B 32 -9.36 -34.67 24.33
CA CYS B 32 -10.21 -35.82 24.53
C CYS B 32 -9.88 -36.98 23.61
N ARG B 33 -10.18 -38.20 24.04
CA ARG B 33 -9.95 -39.37 23.20
C ARG B 33 -11.32 -39.88 22.79
N TYR B 34 -11.55 -39.96 21.49
CA TYR B 34 -12.81 -40.47 20.99
C TYR B 34 -12.54 -41.95 21.00
N ASP B 35 -13.10 -42.64 22.00
CA ASP B 35 -12.85 -44.06 22.21
C ASP B 35 -14.11 -44.93 22.30
N PRO B 36 -14.84 -45.10 21.19
CA PRO B 36 -16.06 -45.92 21.18
C PRO B 36 -15.84 -47.40 21.53
N LEU B 37 -14.61 -47.89 21.37
CA LEU B 37 -14.31 -49.27 21.67
C LEU B 37 -13.92 -49.43 23.14
N GLN B 38 -13.77 -48.31 23.83
CA GLN B 38 -13.42 -48.33 25.24
C GLN B 38 -12.13 -49.09 25.55
N ASP B 39 -11.20 -49.14 24.59
CA ASP B 39 -9.93 -49.84 24.82
C ASP B 39 -8.74 -48.91 24.63
N ASN B 40 -9.01 -47.60 24.65
CA ASN B 40 -7.97 -46.59 24.50
C ASN B 40 -7.23 -46.58 23.17
N THR B 41 -7.81 -47.20 22.13
CA THR B 41 -7.18 -47.22 20.81
C THR B 41 -7.77 -46.08 19.99
N GLY B 42 -8.71 -45.35 20.58
CA GLY B 42 -9.33 -44.23 19.87
C GLY B 42 -8.40 -43.04 19.63
N GLU B 43 -8.75 -42.21 18.66
CA GLU B 43 -7.93 -41.04 18.33
C GLU B 43 -8.07 -39.89 19.32
N VAL B 44 -6.97 -39.21 19.60
CA VAL B 44 -6.99 -38.08 20.50
C VAL B 44 -7.33 -36.84 19.66
N VAL B 45 -8.31 -36.06 20.11
CA VAL B 45 -8.74 -34.87 19.40
C VAL B 45 -8.85 -33.68 20.35
N ALA B 46 -8.98 -32.50 19.78
CA ALA B 46 -9.14 -31.27 20.56
C ALA B 46 -10.61 -30.90 20.41
N VAL B 47 -11.26 -30.61 21.52
CA VAL B 47 -12.68 -30.26 21.54
C VAL B 47 -12.92 -28.84 22.07
N LYS B 48 -13.59 -28.02 21.28
CA LYS B 48 -13.90 -26.66 21.67
C LYS B 48 -15.37 -26.52 22.04
N LYS B 49 -15.63 -25.93 23.20
CA LYS B 49 -16.99 -25.73 23.68
C LYS B 49 -17.18 -24.30 24.19
N LEU B 50 -18.43 -23.85 24.24
CA LEU B 50 -18.74 -22.50 24.73
C LEU B 50 -19.07 -22.56 26.21
N GLN B 51 -18.67 -21.53 26.93
CA GLN B 51 -18.90 -21.44 28.36
C GLN B 51 -20.04 -20.49 28.59
N HIS B 52 -20.30 -19.65 27.59
CA HIS B 52 -21.40 -18.69 27.68
C HIS B 52 -22.32 -18.85 26.48
N SER B 53 -23.23 -19.82 26.61
CA SER B 53 -24.15 -20.14 25.54
C SER B 53 -25.39 -19.27 25.29
N THR B 54 -25.19 -18.00 24.93
CA THR B 54 -26.34 -17.14 24.62
C THR B 54 -26.72 -17.44 23.18
N GLU B 55 -27.87 -16.94 22.75
CA GLU B 55 -28.30 -17.21 21.39
C GLU B 55 -27.38 -16.58 20.37
N GLU B 56 -26.74 -15.47 20.74
CA GLU B 56 -25.83 -14.81 19.84
C GLU B 56 -24.51 -15.58 19.79
N HIS B 57 -24.05 -16.06 20.93
CA HIS B 57 -22.80 -16.80 20.96
C HIS B 57 -22.92 -18.12 20.24
N LEU B 58 -24.10 -18.72 20.32
CA LEU B 58 -24.36 -20.00 19.66
C LEU B 58 -24.36 -19.78 18.16
N ARG B 59 -24.97 -18.68 17.72
CA ARG B 59 -25.03 -18.37 16.29
C ARG B 59 -23.62 -18.16 15.75
N ASP B 60 -22.78 -17.47 16.50
CA ASP B 60 -21.41 -17.22 16.09
C ASP B 60 -20.59 -18.50 16.02
N PHE B 61 -20.79 -19.39 16.99
CA PHE B 61 -20.09 -20.67 17.04
C PHE B 61 -20.49 -21.56 15.85
N GLU B 62 -21.77 -21.52 15.46
CA GLU B 62 -22.21 -22.32 14.32
C GLU B 62 -21.46 -21.80 13.08
N ARG B 63 -21.34 -20.48 13.03
CA ARG B 63 -20.66 -19.77 11.96
C ARG B 63 -19.19 -20.14 11.89
N GLU B 64 -18.58 -20.20 13.07
CA GLU B 64 -17.18 -20.52 13.22
C GLU B 64 -16.90 -21.92 12.70
N ILE B 65 -17.80 -22.85 13.01
CA ILE B 65 -17.63 -24.23 12.57
C ILE B 65 -17.66 -24.29 11.05
N GLU B 66 -18.63 -23.62 10.44
CA GLU B 66 -18.74 -23.63 8.98
C GLU B 66 -17.50 -23.03 8.34
N ILE B 67 -16.98 -21.98 8.95
CA ILE B 67 -15.78 -21.33 8.45
C ILE B 67 -14.59 -22.29 8.46
N LEU B 68 -14.33 -22.93 9.59
CA LEU B 68 -13.23 -23.85 9.73
C LEU B 68 -13.36 -25.06 8.82
N LYS B 69 -14.58 -25.59 8.71
CA LYS B 69 -14.85 -26.73 7.85
C LYS B 69 -14.56 -26.40 6.39
N SER B 70 -14.78 -25.14 6.01
CA SER B 70 -14.54 -24.71 4.63
C SER B 70 -13.07 -24.46 4.33
N LEU B 71 -12.25 -24.45 5.36
CA LEU B 71 -10.82 -24.21 5.18
C LEU B 71 -10.02 -25.50 5.11
N GLN B 72 -9.18 -25.63 4.10
CA GLN B 72 -8.33 -26.80 3.92
C GLN B 72 -6.97 -26.31 3.44
N HIS B 73 -6.03 -26.19 4.39
CA HIS B 73 -4.71 -25.68 4.10
C HIS B 73 -3.71 -26.28 5.08
N ASP B 74 -2.45 -26.35 4.69
CA ASP B 74 -1.40 -26.91 5.52
C ASP B 74 -1.16 -26.13 6.80
N ASN B 75 -1.41 -24.83 6.79
CA ASN B 75 -1.16 -24.10 8.02
C ASN B 75 -2.38 -23.50 8.65
N ILE B 76 -3.45 -24.28 8.59
CA ILE B 76 -4.71 -23.94 9.21
C ILE B 76 -5.12 -25.23 9.91
N VAL B 77 -5.42 -25.13 11.20
CA VAL B 77 -5.80 -26.30 11.97
C VAL B 77 -6.95 -27.09 11.35
N LYS B 78 -6.81 -28.40 11.33
CA LYS B 78 -7.81 -29.27 10.74
C LYS B 78 -9.13 -29.47 11.45
N TYR B 79 -10.21 -29.33 10.68
CA TYR B 79 -11.56 -29.53 11.17
C TYR B 79 -11.82 -31.02 11.13
N LYS B 80 -12.32 -31.59 12.22
CA LYS B 80 -12.62 -33.01 12.24
C LYS B 80 -14.11 -33.28 12.32
N GLY B 81 -14.84 -32.47 13.08
CA GLY B 81 -16.28 -32.70 13.16
C GLY B 81 -17.01 -31.89 14.21
N VAL B 82 -18.20 -32.34 14.58
CA VAL B 82 -19.00 -31.69 15.60
C VAL B 82 -19.61 -32.68 16.53
N CYS B 83 -19.98 -32.20 17.70
CA CYS B 83 -20.61 -33.03 18.69
C CYS B 83 -21.89 -32.35 19.19
N TYR B 84 -23.01 -33.06 19.06
CA TYR B 84 -24.32 -32.54 19.49
C TYR B 84 -24.90 -33.33 20.68
N SER B 85 -25.80 -32.70 21.44
CA SER B 85 -26.44 -33.34 22.59
C SER B 85 -27.91 -33.50 22.26
N ASN B 90 -25.70 -28.96 23.39
CA ASN B 90 -24.43 -28.32 23.70
C ASN B 90 -23.43 -28.64 22.58
N LEU B 91 -23.47 -27.82 21.54
CA LEU B 91 -22.63 -27.93 20.37
C LEU B 91 -21.15 -27.83 20.70
N LYS B 92 -20.37 -28.76 20.15
CA LYS B 92 -18.92 -28.80 20.35
C LYS B 92 -18.20 -28.97 19.01
N LEU B 93 -17.09 -28.25 18.85
CA LEU B 93 -16.28 -28.33 17.64
C LEU B 93 -15.06 -29.27 17.83
N ILE B 94 -14.97 -30.30 17.00
CA ILE B 94 -13.86 -31.24 17.07
C ILE B 94 -12.74 -30.91 16.07
N MET B 95 -11.53 -30.71 16.57
CA MET B 95 -10.38 -30.39 15.73
C MET B 95 -9.25 -31.37 15.98
N GLU B 96 -8.21 -31.32 15.14
CA GLU B 96 -7.06 -32.19 15.31
C GLU B 96 -6.31 -31.73 16.54
N TYR B 97 -5.66 -32.65 17.22
CA TYR B 97 -4.89 -32.34 18.41
C TYR B 97 -3.42 -32.06 18.05
N LEU B 98 -2.93 -30.90 18.48
CA LEU B 98 -1.55 -30.50 18.23
C LEU B 98 -0.81 -30.41 19.57
N PRO B 99 -0.06 -31.47 19.92
CA PRO B 99 0.72 -31.61 21.15
C PRO B 99 1.71 -30.56 21.57
N TYR B 100 2.19 -29.74 20.66
CA TYR B 100 3.10 -28.73 21.12
C TYR B 100 2.37 -27.46 21.52
N GLY B 101 1.07 -27.41 21.30
CA GLY B 101 0.29 -26.24 21.72
C GLY B 101 0.57 -24.97 20.94
N SER B 102 0.29 -23.83 21.57
CA SER B 102 0.48 -22.55 20.90
C SER B 102 1.92 -22.17 20.66
N LEU B 103 2.15 -21.41 19.61
CA LEU B 103 3.49 -20.95 19.25
C LEU B 103 4.00 -19.97 20.29
N ARG B 104 3.09 -19.27 20.95
CA ARG B 104 3.50 -18.32 21.98
C ARG B 104 4.22 -19.06 23.10
N ASP B 105 3.68 -20.20 23.52
CA ASP B 105 4.29 -20.98 24.58
C ASP B 105 5.50 -21.75 24.07
N TYR B 106 5.38 -22.31 22.88
CA TYR B 106 6.45 -23.09 22.26
C TYR B 106 7.74 -22.30 22.07
N LEU B 107 7.60 -21.06 21.59
CA LEU B 107 8.74 -20.21 21.33
C LEU B 107 9.56 -19.91 22.57
N GLN B 108 8.88 -19.60 23.67
CA GLN B 108 9.56 -19.28 24.92
C GLN B 108 10.50 -20.36 25.43
N LYS B 109 10.03 -21.60 25.45
CA LYS B 109 10.86 -22.69 25.96
C LYS B 109 11.90 -23.28 25.00
N HIS B 110 11.85 -22.89 23.74
CA HIS B 110 12.78 -23.41 22.75
C HIS B 110 13.55 -22.31 22.05
N LYS B 111 13.58 -21.12 22.62
CA LYS B 111 14.28 -20.03 21.99
C LYS B 111 15.79 -20.22 21.75
N GLU B 112 16.47 -20.99 22.59
CA GLU B 112 17.90 -21.18 22.38
C GLU B 112 18.13 -22.02 21.15
N ARG B 113 17.14 -22.79 20.75
CA ARG B 113 17.36 -23.58 19.57
C ARG B 113 16.60 -23.08 18.34
N ILE B 114 15.76 -22.07 18.52
CA ILE B 114 15.05 -21.52 17.37
C ILE B 114 15.78 -20.30 16.81
N ASP B 115 16.21 -20.47 15.57
CA ASP B 115 16.97 -19.53 14.76
C ASP B 115 16.10 -18.42 14.13
N HIS B 116 16.73 -17.38 13.59
CA HIS B 116 15.99 -16.32 12.91
C HIS B 116 15.45 -16.93 11.62
N ILE B 117 16.24 -17.79 10.98
CA ILE B 117 15.78 -18.42 9.75
C ILE B 117 14.62 -19.37 10.03
N LYS B 118 14.59 -19.94 11.24
CA LYS B 118 13.49 -20.84 11.62
C LYS B 118 12.25 -19.99 11.92
N LEU B 119 12.47 -18.80 12.46
CA LEU B 119 11.36 -17.89 12.73
C LEU B 119 10.72 -17.48 11.40
N LEU B 120 11.55 -17.22 10.38
CA LEU B 120 11.05 -16.84 9.06
C LEU B 120 10.34 -18.01 8.39
N GLN B 121 10.71 -19.22 8.75
CA GLN B 121 10.06 -20.39 8.18
C GLN B 121 8.62 -20.41 8.69
N TYR B 122 8.45 -20.14 9.98
CA TYR B 122 7.12 -20.09 10.58
C TYR B 122 6.35 -18.93 9.97
N THR B 123 7.02 -17.79 9.82
CA THR B 123 6.41 -16.57 9.27
C THR B 123 5.83 -16.84 7.88
N SER B 124 6.63 -17.50 7.05
CA SER B 124 6.25 -17.87 5.70
C SER B 124 5.00 -18.74 5.70
N GLN B 125 4.93 -19.68 6.63
CA GLN B 125 3.77 -20.56 6.72
C GLN B 125 2.52 -19.79 7.15
N ILE B 126 2.69 -18.82 8.03
CA ILE B 126 1.57 -18.01 8.47
C ILE B 126 1.07 -17.17 7.28
N CYS B 127 2.01 -16.56 6.54
CA CYS B 127 1.62 -15.76 5.38
C CYS B 127 0.80 -16.59 4.41
N LYS B 128 1.26 -17.81 4.17
CA LYS B 128 0.60 -18.73 3.24
C LYS B 128 -0.81 -19.07 3.69
N GLY B 129 -0.99 -19.27 4.99
CA GLY B 129 -2.30 -19.61 5.51
C GLY B 129 -3.22 -18.42 5.36
N MET B 130 -2.68 -17.23 5.62
CA MET B 130 -3.46 -16.01 5.51
C MET B 130 -3.79 -15.69 4.06
N GLU B 131 -2.88 -16.01 3.14
CA GLU B 131 -3.11 -15.77 1.73
C GLU B 131 -4.32 -16.60 1.33
N TYR B 132 -4.37 -17.83 1.83
CA TYR B 132 -5.46 -18.74 1.55
C TYR B 132 -6.78 -18.23 2.10
N LEU B 133 -6.77 -17.65 3.29
CA LEU B 133 -7.98 -17.09 3.85
C LEU B 133 -8.52 -16.00 2.94
N GLY B 134 -7.61 -15.21 2.38
CA GLY B 134 -8.01 -14.14 1.49
C GLY B 134 -8.73 -14.60 0.25
N THR B 135 -8.41 -15.78 -0.26
CA THR B 135 -9.07 -16.31 -1.45
C THR B 135 -10.51 -16.68 -1.12
N LYS B 136 -10.79 -16.85 0.17
CA LYS B 136 -12.13 -17.20 0.62
C LYS B 136 -12.81 -15.92 1.11
N ARG B 137 -12.08 -14.81 1.07
CA ARG B 137 -12.59 -13.54 1.53
C ARG B 137 -12.90 -13.57 3.03
N TYR B 138 -12.08 -14.28 3.79
CA TYR B 138 -12.24 -14.38 5.24
C TYR B 138 -11.28 -13.42 5.92
N ILE B 139 -11.74 -12.75 6.96
CA ILE B 139 -10.90 -11.83 7.72
C ILE B 139 -10.76 -12.48 9.08
N HIS B 140 -9.53 -12.78 9.48
CA HIS B 140 -9.28 -13.46 10.74
C HIS B 140 -9.62 -12.61 11.97
N ARG B 141 -9.19 -11.34 11.93
CA ARG B 141 -9.48 -10.41 13.02
C ARG B 141 -8.81 -10.70 14.36
N ASP B 142 -8.10 -11.82 14.49
CA ASP B 142 -7.47 -12.14 15.77
C ASP B 142 -6.12 -12.85 15.64
N LEU B 143 -5.26 -12.38 14.75
CA LEU B 143 -3.93 -12.96 14.55
C LEU B 143 -3.00 -12.57 15.69
N ALA B 144 -2.43 -13.58 16.33
CA ALA B 144 -1.51 -13.42 17.44
C ALA B 144 -0.87 -14.79 17.63
N THR B 145 0.32 -14.85 18.22
CA THR B 145 1.00 -16.14 18.41
C THR B 145 0.20 -17.07 19.32
N ARG B 146 -0.71 -16.41 20.02
CA ARG B 146 -1.67 -16.97 20.98
C ARG B 146 -2.53 -18.03 20.31
N ASN B 147 -2.92 -17.68 19.09
CA ASN B 147 -3.79 -18.44 18.22
C ASN B 147 -3.12 -19.27 17.14
N ILE B 148 -1.80 -19.32 17.17
CA ILE B 148 -1.07 -20.11 16.20
C ILE B 148 -0.60 -21.35 16.94
N LEU B 149 -0.84 -22.51 16.33
CA LEU B 149 -0.46 -23.77 16.95
C LEU B 149 0.75 -24.38 16.25
N VAL B 150 1.45 -25.25 16.98
CA VAL B 150 2.65 -25.90 16.47
C VAL B 150 2.45 -27.39 16.24
N GLU B 151 2.56 -27.84 14.99
CA GLU B 151 2.43 -29.26 14.69
C GLU B 151 3.76 -29.94 15.03
N ASN B 152 4.87 -29.27 14.72
CA ASN B 152 6.21 -29.76 15.04
C ASN B 152 7.21 -28.63 14.84
N GLU B 153 8.49 -28.89 15.13
CA GLU B 153 9.54 -27.89 15.03
C GLU B 153 9.62 -27.21 13.66
N ASN B 154 9.04 -27.84 12.64
CA ASN B 154 9.07 -27.28 11.30
C ASN B 154 7.74 -26.77 10.75
N ARG B 155 6.66 -26.99 11.49
CA ARG B 155 5.35 -26.57 11.00
C ARG B 155 4.38 -25.95 12.00
N VAL B 156 3.85 -24.79 11.64
CA VAL B 156 2.87 -24.12 12.49
C VAL B 156 1.55 -24.06 11.72
N LYS B 157 0.45 -23.82 12.44
CA LYS B 157 -0.86 -23.72 11.83
C LYS B 157 -1.70 -22.66 12.52
N ILE B 158 -2.48 -21.93 11.74
CA ILE B 158 -3.38 -20.94 12.30
C ILE B 158 -4.46 -21.80 12.94
N GLY B 159 -4.65 -21.64 14.25
CA GLY B 159 -5.59 -22.51 14.93
C GLY B 159 -6.88 -22.09 15.63
N ASP B 160 -7.35 -20.88 15.41
CA ASP B 160 -8.62 -20.51 16.00
C ASP B 160 -9.18 -19.50 15.08
N PHE B 161 -10.47 -19.61 14.89
CA PHE B 161 -11.16 -18.74 13.98
C PHE B 161 -12.43 -18.25 14.62
N GLY B 162 -12.40 -18.07 15.94
CA GLY B 162 -13.58 -17.61 16.63
C GLY B 162 -14.06 -16.20 16.27
N LEU B 163 -13.17 -15.35 15.79
CA LEU B 163 -13.55 -13.99 15.43
C LEU B 163 -13.55 -13.78 13.93
N THR B 164 -13.27 -14.85 13.18
CA THR B 164 -13.22 -14.77 11.73
C THR B 164 -14.55 -14.42 11.07
N LYS B 165 -14.50 -13.45 10.16
CA LYS B 165 -15.69 -13.01 9.44
C LYS B 165 -15.53 -13.12 7.92
N VAL B 166 -16.66 -13.25 7.24
CA VAL B 166 -16.65 -13.33 5.79
C VAL B 166 -17.03 -11.96 5.27
N LEU B 167 -16.21 -11.43 4.37
CA LEU B 167 -16.44 -10.14 3.76
C LEU B 167 -17.74 -10.10 2.95
N PRO B 168 -18.51 -9.01 3.06
CA PRO B 168 -19.75 -8.91 2.30
C PRO B 168 -19.35 -8.90 0.83
N GLN B 169 -20.26 -9.26 -0.06
CA GLN B 169 -19.93 -9.29 -1.48
C GLN B 169 -19.53 -7.93 -2.04
N ASP B 170 -20.28 -6.91 -1.63
CA ASP B 170 -20.06 -5.55 -2.11
C ASP B 170 -18.98 -4.73 -1.40
N LYS B 171 -18.48 -5.24 -0.27
CA LYS B 171 -17.48 -4.48 0.48
C LYS B 171 -16.10 -5.08 0.66
N GLU B 172 -15.13 -4.16 0.75
CA GLU B 172 -13.73 -4.48 0.96
C GLU B 172 -13.42 -4.30 2.43
N PTR B 173 -14.44 -4.39 3.30
CA PTR B 173 -14.22 -4.25 4.77
C PTR B 173 -15.41 -4.69 5.59
O PTR B 173 -16.50 -4.72 5.12
CB PTR B 173 -13.80 -2.82 5.31
CG PTR B 173 -14.82 -1.72 5.09
CD1 PTR B 173 -14.71 -0.87 4.01
CD2 PTR B 173 -15.89 -1.52 5.98
CE1 PTR B 173 -15.61 0.17 3.79
CE2 PTR B 173 -16.80 -0.47 5.77
CZ PTR B 173 -16.65 0.36 4.67
OH PTR B 173 -17.55 1.36 4.40
P PTR B 173 -17.17 2.92 4.65
O1P PTR B 173 -18.49 3.61 4.93
O2P PTR B 173 -16.45 3.36 3.38
O3P PTR B 173 -16.25 2.91 5.85
N PTR B 174 -15.15 -5.11 6.81
CA PTR B 174 -16.24 -5.55 7.66
C PTR B 174 -16.25 -4.71 8.93
O PTR B 174 -15.17 -4.31 9.47
CB PTR B 174 -16.09 -7.03 7.96
CG PTR B 174 -17.35 -7.69 8.43
CD1 PTR B 174 -17.89 -7.41 9.68
CD2 PTR B 174 -17.95 -8.69 7.66
CE1 PTR B 174 -18.99 -8.13 10.16
CE2 PTR B 174 -19.04 -9.41 8.12
CZ PTR B 174 -19.54 -9.13 9.38
OH PTR B 174 -20.54 -9.96 9.84
P PTR B 174 -21.94 -9.37 10.43
O1P PTR B 174 -22.99 -10.39 10.04
O2P PTR B 174 -22.12 -8.01 9.73
O3P PTR B 174 -21.74 -9.27 11.94
N LYS B 175 -17.47 -4.39 9.38
CA LYS B 175 -17.69 -3.58 10.59
C LYS B 175 -18.42 -4.38 11.67
N VAL B 176 -17.73 -4.70 12.75
CA VAL B 176 -18.32 -5.53 13.79
C VAL B 176 -18.80 -4.91 15.10
N LYS B 177 -19.83 -5.52 15.69
CA LYS B 177 -20.35 -5.06 16.98
C LYS B 177 -19.33 -5.55 18.00
N GLU B 178 -19.13 -4.81 19.08
CA GLU B 178 -18.17 -5.20 20.09
C GLU B 178 -18.76 -5.30 21.49
N PRO B 179 -19.29 -6.47 21.85
CA PRO B 179 -19.89 -6.70 23.17
C PRO B 179 -18.90 -7.49 24.03
N GLY B 180 -17.69 -7.68 23.49
CA GLY B 180 -16.65 -8.43 24.18
C GLY B 180 -15.29 -7.74 24.09
N GLU B 181 -14.38 -8.13 24.99
CA GLU B 181 -13.05 -7.52 25.04
C GLU B 181 -12.30 -7.80 23.75
N SER B 182 -11.58 -6.79 23.25
CA SER B 182 -10.83 -6.91 22.02
C SER B 182 -9.33 -6.79 22.26
N PRO B 183 -8.51 -7.56 21.50
CA PRO B 183 -7.06 -7.50 21.67
C PRO B 183 -6.55 -6.22 21.01
N ILE B 184 -6.86 -5.10 21.65
CA ILE B 184 -6.52 -3.79 21.13
C ILE B 184 -5.07 -3.54 20.77
N PHE B 185 -4.13 -4.24 21.40
CA PHE B 185 -2.72 -4.01 21.08
C PHE B 185 -2.22 -4.74 19.83
N TRP B 186 -3.14 -5.42 19.14
CA TRP B 186 -2.84 -6.13 17.90
C TRP B 186 -3.73 -5.51 16.79
N TYR B 187 -4.57 -4.56 17.20
CA TYR B 187 -5.51 -3.89 16.31
C TYR B 187 -4.97 -2.72 15.48
N ALA B 188 -5.43 -2.67 14.23
CA ALA B 188 -5.07 -1.58 13.32
C ALA B 188 -5.86 -0.35 13.77
N PRO B 189 -5.31 0.85 13.54
CA PRO B 189 -5.97 2.11 13.94
C PRO B 189 -7.43 2.21 13.54
N GLU B 190 -7.78 1.78 12.33
CA GLU B 190 -9.16 1.88 11.88
C GLU B 190 -10.10 0.89 12.57
N SER B 191 -9.54 -0.16 13.16
CA SER B 191 -10.34 -1.15 13.87
C SER B 191 -10.65 -0.56 15.24
N LEU B 192 -9.66 0.15 15.74
CA LEU B 192 -9.76 0.80 17.03
C LEU B 192 -10.75 1.96 17.00
N THR B 193 -10.75 2.71 15.90
CA THR B 193 -11.61 3.87 15.77
C THR B 193 -12.99 3.67 15.15
N GLU B 194 -13.08 2.83 14.13
CA GLU B 194 -14.37 2.62 13.48
C GLU B 194 -14.80 1.16 13.46
N SER B 195 -14.01 0.30 14.08
CA SER B 195 -14.31 -1.13 14.11
C SER B 195 -14.30 -1.73 12.73
N LYS B 196 -13.45 -1.19 11.86
CA LYS B 196 -13.32 -1.67 10.48
C LYS B 196 -12.27 -2.75 10.39
N PHE B 197 -12.67 -3.91 9.88
CA PHE B 197 -11.76 -5.04 9.73
C PHE B 197 -11.69 -5.45 8.26
N SER B 198 -10.47 -5.76 7.82
CA SER B 198 -10.21 -6.12 6.43
C SER B 198 -8.96 -6.95 6.32
N VAL B 199 -8.56 -7.23 5.08
CA VAL B 199 -7.35 -8.00 4.83
C VAL B 199 -6.17 -7.16 5.30
N ALA B 200 -6.30 -5.85 5.14
CA ALA B 200 -5.25 -4.91 5.54
C ALA B 200 -5.12 -4.77 7.05
N SER B 201 -6.21 -4.98 7.80
CA SER B 201 -6.09 -4.92 9.24
C SER B 201 -5.45 -6.23 9.70
N ASP B 202 -5.69 -7.30 8.94
CA ASP B 202 -5.08 -8.60 9.25
C ASP B 202 -3.57 -8.49 9.03
N VAL B 203 -3.18 -7.72 8.01
CA VAL B 203 -1.77 -7.49 7.69
C VAL B 203 -1.11 -6.69 8.83
N TRP B 204 -1.85 -5.77 9.42
CA TRP B 204 -1.31 -5.00 10.54
C TRP B 204 -1.06 -5.96 11.70
N SER B 205 -2.06 -6.76 12.02
CA SER B 205 -1.92 -7.71 13.11
C SER B 205 -0.78 -8.69 12.84
N PHE B 206 -0.60 -9.07 11.57
CA PHE B 206 0.48 -9.97 11.18
C PHE B 206 1.85 -9.36 11.56
N GLY B 207 1.97 -8.05 11.35
CA GLY B 207 3.21 -7.38 11.68
C GLY B 207 3.49 -7.46 13.17
N VAL B 208 2.43 -7.49 13.98
CA VAL B 208 2.59 -7.58 15.42
C VAL B 208 3.01 -9.00 15.75
N VAL B 209 2.48 -9.96 14.98
CA VAL B 209 2.83 -11.36 15.17
C VAL B 209 4.32 -11.51 14.88
N LEU B 210 4.78 -10.90 13.79
CA LEU B 210 6.18 -10.98 13.43
C LEU B 210 7.04 -10.36 14.55
N TYR B 211 6.56 -9.28 15.15
CA TYR B 211 7.26 -8.63 16.26
C TYR B 211 7.34 -9.63 17.40
N GLU B 212 6.21 -10.27 17.70
CA GLU B 212 6.14 -11.25 18.79
C GLU B 212 7.20 -12.31 18.60
N LEU B 213 7.26 -12.85 17.39
CA LEU B 213 8.22 -13.90 17.08
C LEU B 213 9.66 -13.48 17.39
N PHE B 214 10.06 -12.31 16.92
CA PHE B 214 11.41 -11.86 17.16
C PHE B 214 11.76 -11.37 18.58
N THR B 215 10.77 -11.33 19.46
CA THR B 215 11.01 -10.95 20.85
C THR B 215 11.12 -12.25 21.62
N TYR B 216 10.78 -13.34 20.95
CA TYR B 216 10.79 -14.68 21.55
C TYR B 216 9.90 -14.73 22.78
N ILE B 217 8.87 -13.89 22.77
CA ILE B 217 7.88 -13.77 23.82
C ILE B 217 8.49 -13.47 25.19
N GLU B 218 9.48 -12.59 25.20
CA GLU B 218 10.09 -12.15 26.45
C GLU B 218 9.00 -11.29 27.11
N LYS B 219 8.56 -11.70 28.30
CA LYS B 219 7.47 -11.01 29.01
C LYS B 219 7.44 -9.48 29.02
N SER B 220 8.56 -8.85 29.33
CA SER B 220 8.56 -7.39 29.38
C SER B 220 8.51 -6.75 27.99
N LYS B 221 8.68 -7.56 26.95
CA LYS B 221 8.71 -7.06 25.57
C LYS B 221 7.43 -7.25 24.73
N SER B 222 6.39 -7.77 25.37
CA SER B 222 5.11 -8.00 24.70
C SER B 222 4.44 -6.70 24.23
N PRO B 223 3.53 -6.80 23.23
CA PRO B 223 2.84 -5.61 22.72
C PRO B 223 2.13 -4.80 23.81
N PRO B 224 1.36 -5.46 24.69
CA PRO B 224 0.67 -4.70 25.75
C PRO B 224 1.67 -3.97 26.64
N ALA B 225 2.69 -4.68 27.08
CA ALA B 225 3.70 -4.10 27.96
C ALA B 225 4.46 -2.95 27.30
N GLU B 226 4.81 -3.09 26.04
CA GLU B 226 5.55 -2.04 25.35
C GLU B 226 4.69 -0.83 25.04
N PHE B 227 3.42 -1.04 24.69
CA PHE B 227 2.55 0.07 24.39
C PHE B 227 2.19 0.83 25.67
N MET B 228 1.91 0.09 26.74
CA MET B 228 1.57 0.72 28.00
C MET B 228 2.76 1.48 28.55
N ARG B 229 3.96 1.09 28.15
CA ARG B 229 5.13 1.77 28.64
C ARG B 229 5.27 3.13 28.00
N MET B 230 5.17 3.19 26.67
CA MET B 230 5.32 4.47 26.00
C MET B 230 4.10 5.38 26.13
N ILE B 231 3.01 4.80 26.61
CA ILE B 231 1.81 5.58 26.85
C ILE B 231 1.93 6.07 28.28
N GLY B 232 2.31 5.15 29.17
CA GLY B 232 2.47 5.49 30.57
C GLY B 232 1.59 4.61 31.41
N ASN B 233 2.17 3.86 32.35
CA ASN B 233 1.38 2.98 33.19
C ASN B 233 0.53 3.78 34.17
N ASP B 234 0.84 5.08 34.30
CA ASP B 234 0.10 5.94 35.21
C ASP B 234 -1.27 6.32 34.65
N LYS B 235 -1.61 5.78 33.48
CA LYS B 235 -2.89 6.10 32.86
C LYS B 235 -4.03 5.31 33.50
N GLN B 236 -5.26 5.66 33.15
CA GLN B 236 -6.43 4.99 33.70
C GLN B 236 -6.70 3.67 33.00
N GLY B 237 -7.97 3.31 32.88
CA GLY B 237 -8.35 2.06 32.25
C GLY B 237 -9.12 2.19 30.96
N GLN B 238 -10.21 2.97 30.97
CA GLN B 238 -11.01 3.17 29.76
C GLN B 238 -10.34 4.16 28.80
N MET B 239 -9.34 4.86 29.32
CA MET B 239 -8.60 5.86 28.56
C MET B 239 -7.46 5.26 27.74
N ILE B 240 -7.10 4.03 28.05
CA ILE B 240 -6.02 3.35 27.36
C ILE B 240 -6.18 3.38 25.85
N VAL B 241 -7.30 2.88 25.34
CA VAL B 241 -7.54 2.86 23.90
C VAL B 241 -7.36 4.24 23.24
N PHE B 242 -7.93 5.28 23.85
CA PHE B 242 -7.81 6.61 23.28
C PHE B 242 -6.37 7.12 23.25
N HIS B 243 -5.58 6.76 24.25
CA HIS B 243 -4.17 7.17 24.26
C HIS B 243 -3.43 6.36 23.20
N LEU B 244 -3.84 5.11 23.02
CA LEU B 244 -3.25 4.22 22.02
C LEU B 244 -3.52 4.76 20.63
N ILE B 245 -4.76 5.18 20.41
CA ILE B 245 -5.16 5.73 19.13
C ILE B 245 -4.30 6.96 18.81
N GLU B 246 -4.12 7.85 19.77
CA GLU B 246 -3.32 9.03 19.52
C GLU B 246 -1.86 8.65 19.26
N LEU B 247 -1.35 7.71 20.04
CA LEU B 247 0.02 7.25 19.87
C LEU B 247 0.26 6.72 18.46
N LEU B 248 -0.65 5.88 17.99
CA LEU B 248 -0.52 5.30 16.66
C LEU B 248 -0.69 6.35 15.57
N LYS B 249 -1.51 7.36 15.86
CA LYS B 249 -1.78 8.44 14.93
C LYS B 249 -0.51 9.26 14.75
N ASN B 250 0.23 9.43 15.83
CA ASN B 250 1.47 10.19 15.80
C ASN B 250 2.65 9.31 15.45
N ASN B 251 2.36 8.23 14.72
CA ASN B 251 3.33 7.25 14.28
C ASN B 251 4.21 6.61 15.35
N GLY B 252 3.65 6.43 16.54
CA GLY B 252 4.36 5.76 17.61
C GLY B 252 4.16 4.30 17.28
N ARG B 253 5.21 3.50 17.43
CA ARG B 253 5.16 2.08 17.13
C ARG B 253 6.05 1.21 18.01
N LEU B 254 5.82 -0.10 17.97
CA LEU B 254 6.62 -1.04 18.75
C LEU B 254 8.06 -0.94 18.27
N PRO B 255 9.03 -1.07 19.19
CA PRO B 255 10.45 -0.98 18.83
C PRO B 255 11.00 -2.22 18.15
N ARG B 256 12.20 -2.09 17.58
CA ARG B 256 12.84 -3.22 16.94
C ARG B 256 13.27 -4.14 18.05
N PRO B 257 12.81 -5.41 18.01
CA PRO B 257 13.16 -6.39 19.05
C PRO B 257 14.67 -6.55 19.14
N ASP B 258 15.16 -6.88 20.33
CA ASP B 258 16.60 -7.06 20.51
C ASP B 258 17.14 -8.08 19.53
N GLY B 259 18.22 -7.73 18.83
CA GLY B 259 18.81 -8.65 17.87
C GLY B 259 18.08 -8.81 16.55
N CYS B 260 16.99 -8.09 16.34
CA CYS B 260 16.26 -8.23 15.09
C CYS B 260 16.91 -7.49 13.92
N PRO B 261 17.04 -8.18 12.77
CA PRO B 261 17.64 -7.59 11.56
C PRO B 261 16.74 -6.48 11.05
N ASP B 262 17.35 -5.39 10.60
CA ASP B 262 16.64 -4.24 10.09
C ASP B 262 15.69 -4.59 8.95
N GLU B 263 16.10 -5.52 8.11
CA GLU B 263 15.27 -5.90 6.98
C GLU B 263 13.97 -6.55 7.45
N ILE B 264 14.03 -7.24 8.58
CA ILE B 264 12.86 -7.90 9.15
C ILE B 264 11.99 -6.85 9.84
N TYR B 265 12.63 -5.93 10.56
CA TYR B 265 11.90 -4.88 11.25
C TYR B 265 11.19 -3.98 10.23
N MET B 266 11.79 -3.81 9.05
CA MET B 266 11.17 -3.00 8.01
C MET B 266 9.87 -3.62 7.53
N ILE B 267 9.78 -4.95 7.55
CA ILE B 267 8.56 -5.65 7.15
C ILE B 267 7.47 -5.32 8.17
N MET B 268 7.86 -5.30 9.44
CA MET B 268 6.94 -4.98 10.54
C MET B 268 6.40 -3.56 10.35
N THR B 269 7.29 -2.60 10.18
CA THR B 269 6.89 -1.20 10.04
C THR B 269 6.02 -0.94 8.82
N GLU B 270 6.23 -1.68 7.74
CA GLU B 270 5.42 -1.50 6.55
C GLU B 270 4.02 -2.03 6.80
N CYS B 271 3.90 -3.08 7.60
CA CYS B 271 2.60 -3.65 7.89
C CYS B 271 1.84 -2.67 8.77
N TRP B 272 2.58 -1.87 9.52
CA TRP B 272 2.00 -0.90 10.45
C TRP B 272 1.84 0.49 9.85
N ASN B 273 1.36 0.56 8.62
CA ASN B 273 1.15 1.83 7.95
C ASN B 273 -0.24 2.36 8.25
N ASN B 274 -0.34 3.62 8.65
CA ASN B 274 -1.62 4.22 8.95
C ASN B 274 -2.51 4.19 7.73
N ASN B 275 -1.90 4.22 6.55
CA ASN B 275 -2.64 4.19 5.30
C ASN B 275 -2.88 2.73 4.93
N VAL B 276 -4.12 2.31 5.11
CA VAL B 276 -4.53 0.95 4.81
C VAL B 276 -4.05 0.46 3.43
N ASN B 277 -4.12 1.33 2.44
CA ASN B 277 -3.71 0.96 1.08
C ASN B 277 -2.20 0.80 0.90
N GLN B 278 -1.42 1.27 1.85
CA GLN B 278 0.03 1.12 1.76
C GLN B 278 0.58 -0.09 2.51
N ARG B 279 -0.31 -0.91 3.07
CA ARG B 279 0.14 -2.11 3.75
C ARG B 279 0.32 -3.17 2.68
N PRO B 280 1.43 -3.93 2.74
CA PRO B 280 1.67 -4.97 1.74
C PRO B 280 0.64 -6.08 1.79
N SER B 281 0.58 -6.86 0.72
CA SER B 281 -0.36 -7.97 0.63
C SER B 281 0.33 -9.19 1.20
N PHE B 282 -0.43 -10.22 1.55
CA PHE B 282 0.19 -11.43 2.10
C PHE B 282 1.01 -12.11 1.01
N ARG B 283 0.57 -11.94 -0.23
CA ARG B 283 1.26 -12.50 -1.39
C ARG B 283 2.67 -11.92 -1.45
N ASP B 284 2.76 -10.61 -1.28
CA ASP B 284 4.03 -9.91 -1.31
C ASP B 284 4.86 -10.20 -0.07
N LEU B 285 4.19 -10.36 1.07
CA LEU B 285 4.89 -10.66 2.30
C LEU B 285 5.55 -12.02 2.20
N ALA B 286 4.84 -12.97 1.63
CA ALA B 286 5.34 -14.32 1.48
C ALA B 286 6.59 -14.34 0.62
N LEU B 287 6.55 -13.59 -0.47
CA LEU B 287 7.67 -13.50 -1.39
C LEU B 287 8.86 -12.81 -0.75
N ARG B 288 8.61 -11.76 0.02
CA ARG B 288 9.68 -11.04 0.67
C ARG B 288 10.36 -11.89 1.73
N VAL B 289 9.56 -12.59 2.52
CA VAL B 289 10.11 -13.44 3.56
C VAL B 289 10.93 -14.59 2.97
N ASP B 290 10.37 -15.28 1.99
CA ASP B 290 11.08 -16.40 1.38
C ASP B 290 12.40 -15.94 0.75
N GLN B 291 12.40 -14.74 0.21
CA GLN B 291 13.61 -14.20 -0.41
C GLN B 291 14.71 -13.96 0.61
N ILE B 292 14.32 -13.47 1.78
CA ILE B 292 15.28 -13.24 2.83
C ILE B 292 15.76 -14.59 3.34
N ARG B 293 14.86 -15.55 3.36
CA ARG B 293 15.19 -16.90 3.81
C ARG B 293 16.27 -17.47 2.89
N ASP B 294 16.07 -17.27 1.59
CA ASP B 294 17.00 -17.76 0.59
C ASP B 294 18.36 -17.06 0.73
N ASN B 295 18.33 -15.75 1.01
CA ASN B 295 19.56 -14.97 1.21
C ASN B 295 20.34 -15.41 2.46
N MET B 296 19.62 -15.72 3.52
CA MET B 296 20.25 -16.15 4.76
C MET B 296 20.86 -17.55 4.65
N ALA B 297 20.29 -18.39 3.80
CA ALA B 297 20.80 -19.74 3.64
C ALA B 297 21.92 -19.81 2.61
N GLY B 298 22.17 -18.68 1.94
CA GLY B 298 23.22 -18.62 0.92
C GLY B 298 24.60 -18.96 1.45
C1 0TP C . 3.66 22.78 -11.92
N1 0TP C . -8.02 22.25 -14.45
O1 0TP C . 4.46 23.20 -13.00
S1 0TP C . -4.66 23.17 -11.84
C2 0TP C . -1.60 24.05 -11.81
N2 0TP C . -6.58 22.39 -16.24
O2 0TP C . -6.77 22.86 -9.86
C3 0TP C . 3.72 23.42 -14.24
N3 0TP C . -8.83 22.28 -10.40
C4 0TP C . 2.83 24.63 -14.00
N4 0TP C . 1.98 24.24 -12.88
C5 0TP C . 0.00 23.83 -14.24
C6 0TP C . 2.70 23.89 -11.61
C7 0TP C . -4.33 23.09 -14.38
C8 0TP C . -5.57 22.82 -14.03
C9 0TP C . -5.93 22.83 -12.64
C10 0TP C . -6.75 22.49 -14.90
C11 0TP C . -7.26 22.56 -12.15
C12 0TP C . -7.57 22.59 -10.73
C13 0TP C . -8.32 22.27 -13.12
C14 0TP C . -3.64 23.33 -13.16
C15 0TP C . -9.13 21.89 -9.02
C16 0TP C . -2.20 23.70 -13.11
C17 0TP C . -0.21 24.28 -11.72
C18 0TP C . 0.62 24.16 -12.94
C19 0TP C . -1.38 23.61 -14.33
C1 0TP D . -10.16 -18.91 23.76
N1 0TP D . -4.17 -28.85 19.82
O1 0TP D . -9.38 -17.70 23.88
S1 0TP D . -4.58 -25.37 22.53
C2 0TP D . -6.32 -22.81 23.03
N2 0TP D . -5.90 -27.95 18.54
O2 0TP D . -2.54 -26.87 23.90
C3 0TP D . -7.94 -17.99 23.85
N3 0TP D . -1.52 -28.67 22.99
C4 0TP D . -7.61 -18.65 22.53
N4 0TP D . -8.48 -19.83 22.43
C5 0TP D . -8.24 -21.85 21.04
C6 0TP D . -9.89 -19.60 22.44
C7 0TP D . -6.14 -25.67 20.43
C8 0TP D . -5.26 -26.67 20.51
C9 0TP D . -4.34 -26.69 21.61
C10 0TP D . -5.11 -27.84 19.62
C11 0TP D . -3.38 -27.72 21.82
C12 0TP D . -2.47 -27.69 22.98
C13 0TP D . -3.34 -28.81 20.88
C14 0TP D . -5.87 -24.82 21.54
C15 0TP D . -0.56 -28.65 24.06
C16 0TP D . -6.63 -23.59 21.81
C17 0TP D . -6.97 -21.55 23.25
C18 0TP D . -7.93 -21.07 22.25
C19 0TP D . -7.59 -23.10 20.83
#